data_3T2X
#
_entry.id   3T2X
#
_cell.length_a   113.933
_cell.length_b   113.933
_cell.length_c   83.431
_cell.angle_alpha   90.00
_cell.angle_beta   90.00
_cell.angle_gamma   120.00
#
_symmetry.space_group_name_H-M   'H 3'
#
loop_
_entity.id
_entity.type
_entity.pdbx_description
1 polymer Avidin/streptavidin
2 water water
#
_entity_poly.entity_id   1
_entity_poly.type   'polypeptide(L)'
_entity_poly.pdbx_seq_one_letter_code
;MAMAQELTAMSAWVNQDGSTLYINSINAQGELTGSYINRAAGAACQNSPYPVNGWVFGTAISFSTKWLNSVESCNSITSW
SGFYINTGGQGKISTLWQLVVNGSSSPSQILKGQDVFSQTSA
;
_entity_poly.pdbx_strand_id   A,B,C,D
#
# COMPACT_ATOMS: atom_id res chain seq x y z
N MET A 3 9.74 -10.45 -24.27
CA MET A 3 10.40 -9.36 -23.48
C MET A 3 9.37 -8.58 -22.66
N ALA A 4 9.63 -8.43 -21.35
CA ALA A 4 8.84 -7.58 -20.44
C ALA A 4 8.47 -6.26 -21.09
N GLN A 5 7.20 -5.89 -21.00
CA GLN A 5 6.75 -4.61 -21.51
C GLN A 5 7.37 -3.49 -20.69
N GLU A 6 7.82 -2.41 -21.34
CA GLU A 6 8.37 -1.22 -20.70
C GLU A 6 7.36 -0.08 -20.78
N LEU A 7 7.66 1.06 -20.15
CA LEU A 7 6.78 2.25 -20.22
C LEU A 7 6.99 2.93 -21.56
N THR A 8 6.20 2.52 -22.55
CA THR A 8 6.31 3.02 -23.90
C THR A 8 4.96 3.49 -24.40
N ALA A 9 5.00 4.24 -25.48
CA ALA A 9 3.81 4.45 -26.27
C ALA A 9 3.19 3.10 -26.62
N MET A 10 1.87 3.06 -26.72
CA MET A 10 1.16 1.84 -27.11
C MET A 10 1.47 0.68 -26.18
N SER A 11 1.44 0.95 -24.87
CA SER A 11 1.55 -0.10 -23.87
C SER A 11 0.29 -0.10 -23.02
N ALA A 12 -0.20 -1.28 -22.65
CA ALA A 12 -1.44 -1.42 -21.87
C ALA A 12 -1.19 -2.15 -20.57
N TRP A 13 -1.96 -1.80 -19.55
CA TRP A 13 -1.66 -2.23 -18.20
C TRP A 13 -2.99 -2.43 -17.49
N VAL A 14 -3.17 -3.59 -16.83
CA VAL A 14 -4.47 -3.93 -16.23
C VAL A 14 -4.29 -4.06 -14.73
N ASN A 15 -5.17 -3.47 -13.94
CA ASN A 15 -5.02 -3.52 -12.49
C ASN A 15 -5.81 -4.67 -11.86
N GLN A 16 -5.80 -4.72 -10.53
CA GLN A 16 -6.34 -5.84 -9.76
C GLN A 16 -7.86 -5.93 -9.89
N ASP A 17 -8.50 -4.84 -10.33
CA ASP A 17 -9.95 -4.80 -10.53
C ASP A 17 -10.32 -5.14 -11.97
N GLY A 18 -9.34 -5.32 -12.85
CA GLY A 18 -9.61 -5.55 -14.28
C GLY A 18 -9.71 -4.28 -15.11
N SER A 19 -9.37 -3.14 -14.54
CA SER A 19 -9.40 -1.87 -15.28
C SER A 19 -8.11 -1.70 -16.05
N THR A 20 -8.19 -1.07 -17.21
CA THR A 20 -7.03 -0.97 -18.10
C THR A 20 -6.66 0.47 -18.42
N LEU A 21 -5.36 0.75 -18.29
CA LEU A 21 -4.70 1.94 -18.82
C LEU A 21 -4.15 1.61 -20.19
N TYR A 22 -4.63 2.36 -21.18
CA TYR A 22 -4.15 2.23 -22.57
C TYR A 22 -3.28 3.46 -22.84
N ILE A 23 -1.95 3.29 -22.80
CA ILE A 23 -1.07 4.41 -23.13
C ILE A 23 -1.01 4.54 -24.63
N ASN A 24 -1.35 5.73 -25.13
CA ASN A 24 -1.30 5.98 -26.56
C ASN A 24 0.09 6.52 -26.91
N SER A 25 0.39 7.74 -26.51
CA SER A 25 1.63 8.39 -26.87
C SER A 25 2.44 8.72 -25.63
N ILE A 26 3.76 8.70 -25.81
CA ILE A 26 4.69 9.27 -24.83
C ILE A 26 5.67 10.07 -25.69
N ASN A 27 5.60 11.39 -25.62
CA ASN A 27 6.41 12.23 -26.51
C ASN A 27 7.85 12.37 -26.02
N ALA A 28 8.68 13.14 -26.72
CA ALA A 28 10.09 13.20 -26.42
C ALA A 28 10.37 13.73 -25.02
N GLN A 29 9.43 14.49 -24.47
CA GLN A 29 9.58 15.04 -23.13
C GLN A 29 9.00 14.10 -22.07
N GLY A 30 8.43 12.98 -22.48
CA GLY A 30 7.77 12.06 -21.57
C GLY A 30 6.34 12.43 -21.25
N GLU A 31 5.72 13.35 -21.98
CA GLU A 31 4.33 13.66 -21.73
C GLU A 31 3.45 12.58 -22.34
N LEU A 32 2.48 12.10 -21.56
CA LEU A 32 1.68 10.92 -21.89
C LEU A 32 0.24 11.30 -22.25
N THR A 33 -0.30 10.59 -23.22
CA THR A 33 -1.74 10.57 -23.50
C THR A 33 -2.21 9.12 -23.54
N GLY A 34 -3.48 8.93 -23.23
CA GLY A 34 -4.04 7.59 -23.32
C GLY A 34 -5.51 7.58 -22.99
N SER A 35 -6.01 6.38 -22.73
CA SER A 35 -7.40 6.15 -22.34
C SER A 35 -7.43 5.22 -21.20
N TYR A 36 -8.52 5.23 -20.46
CA TYR A 36 -8.71 4.33 -19.32
C TYR A 36 -10.09 3.72 -19.38
N ILE A 37 -10.19 2.43 -19.14
CA ILE A 37 -11.49 1.78 -19.00
C ILE A 37 -11.57 1.13 -17.64
N ASN A 38 -12.54 1.60 -16.84
CA ASN A 38 -12.80 1.10 -15.52
C ASN A 38 -13.69 -0.13 -15.59
N ARG A 39 -13.28 -1.17 -14.87
CA ARG A 39 -14.09 -2.40 -14.76
C ARG A 39 -14.26 -2.87 -13.31
N ALA A 40 -14.05 -1.96 -12.36
CA ALA A 40 -14.15 -2.34 -10.96
C ALA A 40 -15.58 -2.71 -10.60
N ALA A 41 -15.76 -3.87 -9.99
CA ALA A 41 -17.08 -4.37 -9.61
C ALA A 41 -17.81 -3.35 -8.73
N GLY A 42 -19.05 -3.06 -9.09
CA GLY A 42 -19.89 -2.15 -8.32
C GLY A 42 -19.64 -0.66 -8.54
N ALA A 43 -18.65 -0.31 -9.37
CA ALA A 43 -18.37 1.10 -9.64
C ALA A 43 -19.25 1.68 -10.74
N ALA A 44 -19.38 3.01 -10.72
CA ALA A 44 -19.97 3.71 -11.85
C ALA A 44 -18.89 3.97 -12.89
N CYS A 45 -19.29 4.54 -14.04
CA CYS A 45 -18.33 4.87 -15.12
C CYS A 45 -17.50 3.64 -15.54
N GLN A 46 -18.18 2.51 -15.75
CA GLN A 46 -17.52 1.30 -16.24
C GLN A 46 -17.65 1.19 -17.75
N ASN A 47 -16.69 0.45 -18.33
CA ASN A 47 -16.81 -0.07 -19.71
C ASN A 47 -16.85 1.00 -20.80
N SER A 48 -16.38 2.22 -20.53
CA SER A 48 -16.30 3.22 -21.59
C SER A 48 -14.97 3.98 -21.41
N PRO A 49 -14.43 4.55 -22.49
CA PRO A 49 -13.09 5.12 -22.40
C PRO A 49 -13.09 6.53 -21.84
N TYR A 50 -12.17 6.77 -20.90
CA TYR A 50 -11.97 8.09 -20.33
C TYR A 50 -10.57 8.57 -20.69
N PRO A 51 -10.42 9.91 -20.77
N PRO A 51 -10.42 9.80 -21.25
CA PRO A 51 -9.18 10.47 -21.25
CA PRO A 51 -9.07 10.29 -21.56
C PRO A 51 -8.10 10.51 -20.18
C PRO A 51 -8.14 10.43 -20.34
N VAL A 52 -6.86 10.27 -20.60
CA VAL A 52 -5.76 10.26 -19.64
C VAL A 52 -4.63 11.16 -20.11
N ASN A 53 -4.02 11.89 -19.18
CA ASN A 53 -2.75 12.56 -19.47
C ASN A 53 -1.80 12.27 -18.29
N GLY A 54 -0.56 12.71 -18.42
CA GLY A 54 0.42 12.48 -17.36
C GLY A 54 1.83 12.62 -17.87
N TRP A 55 2.74 11.96 -17.17
CA TRP A 55 4.18 12.08 -17.41
C TRP A 55 4.86 10.76 -17.12
N VAL A 56 5.95 10.54 -17.86
CA VAL A 56 6.89 9.44 -17.56
C VAL A 56 8.28 10.04 -17.38
N PHE A 57 8.99 9.58 -16.34
CA PHE A 57 10.39 10.00 -16.10
C PHE A 57 11.17 8.78 -15.68
N GLY A 58 11.76 8.10 -16.67
CA GLY A 58 12.49 6.85 -16.41
C GLY A 58 11.48 5.78 -16.03
N THR A 59 11.55 5.32 -14.78
CA THR A 59 10.56 4.36 -14.28
C THR A 59 9.42 5.02 -13.48
N ALA A 60 9.50 6.31 -13.24
CA ALA A 60 8.41 7.03 -12.55
C ALA A 60 7.34 7.38 -13.56
N ILE A 61 6.08 7.33 -13.12
CA ILE A 61 4.96 7.70 -13.98
C ILE A 61 3.85 8.31 -13.14
N SER A 62 3.24 9.34 -13.68
CA SER A 62 1.94 9.80 -13.19
CA SER A 62 1.94 9.76 -13.18
C SER A 62 0.93 9.76 -14.32
N PHE A 63 -0.31 9.44 -13.98
CA PHE A 63 -1.39 9.58 -14.97
C PHE A 63 -2.66 9.94 -14.26
N SER A 64 -3.52 10.66 -14.96
CA SER A 64 -4.75 11.17 -14.38
CA SER A 64 -4.75 11.19 -14.39
C SER A 64 -5.88 11.12 -15.39
N THR A 65 -7.06 10.79 -14.90
CA THR A 65 -8.25 10.74 -15.75
C THR A 65 -9.36 11.58 -15.15
N LYS A 66 -10.04 12.32 -16.03
CA LYS A 66 -11.26 13.03 -15.68
C LYS A 66 -12.44 12.13 -16.00
N TRP A 67 -13.30 11.85 -15.03
CA TRP A 67 -14.42 10.93 -15.21
C TRP A 67 -15.63 11.61 -15.87
N LEU A 68 -15.36 12.08 -17.08
CA LEU A 68 -16.42 12.60 -17.94
C LEU A 68 -16.11 12.15 -19.36
N ASN A 69 -17.10 11.56 -20.02
CA ASN A 69 -17.00 11.27 -21.45
C ASN A 69 -18.40 11.44 -22.04
N SER A 70 -18.60 10.97 -23.27
CA SER A 70 -19.85 11.18 -23.97
C SER A 70 -20.96 10.27 -23.49
N VAL A 71 -20.69 9.32 -22.59
CA VAL A 71 -21.73 8.40 -22.14
C VAL A 71 -22.02 8.49 -20.65
N GLU A 72 -21.06 8.92 -19.81
CA GLU A 72 -21.28 8.87 -18.37
C GLU A 72 -20.33 9.77 -17.62
N SER A 73 -20.83 10.45 -16.60
CA SER A 73 -20.04 11.28 -15.70
C SER A 73 -20.00 10.68 -14.31
N CYS A 74 -18.83 10.72 -13.68
CA CYS A 74 -18.71 10.43 -12.24
C CYS A 74 -18.20 11.64 -11.45
N ASN A 75 -18.21 12.82 -12.06
CA ASN A 75 -18.09 14.08 -11.32
C ASN A 75 -16.82 14.17 -10.47
N SER A 76 -15.71 13.60 -10.98
CA SER A 76 -14.50 13.48 -10.20
CA SER A 76 -14.50 13.38 -10.19
C SER A 76 -13.29 13.25 -11.10
N ILE A 77 -12.11 13.26 -10.50
CA ILE A 77 -10.82 13.09 -11.20
C ILE A 77 -9.97 12.16 -10.36
N THR A 78 -9.37 11.12 -10.98
CA THR A 78 -8.44 10.26 -10.27
C THR A 78 -7.03 10.52 -10.81
N SER A 79 -6.07 10.53 -9.90
CA SER A 79 -4.65 10.68 -10.23
C SER A 79 -3.87 9.58 -9.60
N TRP A 80 -3.06 8.92 -10.42
CA TRP A 80 -2.17 7.87 -9.97
C TRP A 80 -0.73 8.34 -10.03
N SER A 81 0.04 7.96 -9.02
CA SER A 81 1.49 8.14 -9.00
C SER A 81 2.12 6.80 -8.79
N GLY A 82 3.11 6.43 -9.61
CA GLY A 82 3.66 5.10 -9.45
C GLY A 82 4.96 4.92 -10.12
N PHE A 83 5.43 3.69 -10.04
CA PHE A 83 6.76 3.34 -10.57
C PHE A 83 6.68 1.98 -11.22
N TYR A 84 7.54 1.83 -12.21
CA TYR A 84 7.64 0.61 -12.98
C TYR A 84 8.54 -0.41 -12.28
N ILE A 85 8.10 -1.66 -12.33
CA ILE A 85 9.03 -2.70 -11.99
CA ILE A 85 8.80 -2.83 -11.78
C ILE A 85 8.86 -3.88 -12.90
N ASN A 86 9.98 -4.59 -13.03
CA ASN A 86 10.04 -5.81 -13.83
C ASN A 86 10.26 -6.94 -12.84
N THR A 87 9.25 -7.81 -12.71
CA THR A 87 9.31 -8.98 -11.82
C THR A 87 9.11 -10.23 -12.68
N GLY A 88 10.06 -11.15 -12.67
CA GLY A 88 9.87 -12.39 -13.42
C GLY A 88 9.58 -12.20 -14.90
N GLY A 89 10.06 -11.10 -15.48
CA GLY A 89 9.83 -10.85 -16.89
C GLY A 89 8.48 -10.23 -17.21
N GLN A 90 7.72 -9.87 -16.17
CA GLN A 90 6.47 -9.11 -16.36
C GLN A 90 6.71 -7.68 -15.93
N GLY A 91 6.38 -6.74 -16.82
CA GLY A 91 6.35 -5.33 -16.43
C GLY A 91 5.08 -4.97 -15.70
N LYS A 92 5.21 -4.11 -14.71
CA LYS A 92 4.01 -3.65 -13.99
C LYS A 92 4.27 -2.27 -13.40
N ILE A 93 3.19 -1.58 -13.05
CA ILE A 93 3.28 -0.25 -12.49
C ILE A 93 2.59 -0.32 -11.13
N SER A 94 3.36 -0.04 -10.08
CA SER A 94 2.84 -0.01 -8.73
C SER A 94 2.46 1.42 -8.38
N THR A 95 1.21 1.65 -7.98
CA THR A 95 0.70 3.01 -7.85
C THR A 95 -0.02 3.25 -6.54
N LEU A 96 -0.05 4.52 -6.18
CA LEU A 96 -0.99 5.05 -5.19
C LEU A 96 -1.85 6.06 -5.92
N TRP A 97 -3.16 6.09 -5.63
CA TRP A 97 -4.04 7.00 -6.30
C TRP A 97 -4.80 7.88 -5.31
N GLN A 98 -5.26 9.00 -5.84
CA GLN A 98 -6.11 9.94 -5.12
C GLN A 98 -7.28 10.30 -6.04
N LEU A 99 -8.49 10.34 -5.47
CA LEU A 99 -9.72 10.66 -6.18
CA LEU A 99 -9.66 10.72 -6.22
C LEU A 99 -10.31 11.91 -5.54
N VAL A 100 -10.54 12.96 -6.33
CA VAL A 100 -11.17 14.16 -5.81
C VAL A 100 -12.50 14.38 -6.55
N VAL A 101 -13.53 14.65 -5.76
CA VAL A 101 -14.86 14.87 -6.27
C VAL A 101 -15.16 16.36 -6.42
N ASN A 102 -15.79 16.71 -7.53
CA ASN A 102 -16.24 18.08 -7.76
C ASN A 102 -17.12 18.54 -6.59
N GLY A 103 -16.87 19.76 -6.11
CA GLY A 103 -17.64 20.33 -5.02
C GLY A 103 -17.11 20.01 -3.65
N SER A 104 -15.97 19.37 -3.54
CA SER A 104 -15.37 19.05 -2.24
C SER A 104 -15.00 20.33 -1.50
N SER A 105 -14.96 20.25 -0.19
CA SER A 105 -14.57 21.40 0.61
C SER A 105 -13.46 21.14 1.62
N SER A 106 -12.99 19.89 1.73
CA SER A 106 -11.93 19.54 2.68
C SER A 106 -11.06 18.47 2.04
N PRO A 107 -9.72 18.54 2.26
CA PRO A 107 -8.87 17.45 1.73
C PRO A 107 -9.17 16.10 2.37
N SER A 108 -9.88 16.08 3.50
CA SER A 108 -10.29 14.81 4.09
C SER A 108 -11.29 14.05 3.22
N GLN A 109 -11.88 14.74 2.23
CA GLN A 109 -12.84 14.14 1.30
C GLN A 109 -12.19 13.45 0.10
N ILE A 110 -10.88 13.63 -0.04
CA ILE A 110 -10.16 13.00 -1.14
C ILE A 110 -9.94 11.53 -0.78
N LEU A 111 -10.35 10.65 -1.70
CA LEU A 111 -10.23 9.21 -1.45
C LEU A 111 -8.88 8.72 -1.95
N LYS A 112 -8.36 7.69 -1.30
CA LYS A 112 -7.03 7.17 -1.61
C LYS A 112 -7.05 5.66 -1.73
N GLY A 113 -6.14 5.11 -2.53
CA GLY A 113 -5.97 3.66 -2.58
C GLY A 113 -4.70 3.30 -3.29
N GLN A 114 -4.58 2.01 -3.58
CA GLN A 114 -3.38 1.41 -4.12
C GLN A 114 -3.78 0.45 -5.25
N ASP A 115 -3.17 0.59 -6.42
CA ASP A 115 -3.43 -0.30 -7.55
C ASP A 115 -2.09 -0.75 -8.14
N VAL A 116 -2.00 -1.99 -8.60
CA VAL A 116 -0.89 -2.41 -9.42
C VAL A 116 -1.42 -2.79 -10.78
N PHE A 117 -0.83 -2.18 -11.82
CA PHE A 117 -1.28 -2.38 -13.20
C PHE A 117 -0.22 -3.21 -13.90
N SER A 118 -0.53 -4.40 -14.38
CA SER A 118 0.49 -5.26 -14.98
CA SER A 118 0.46 -5.31 -14.97
C SER A 118 0.28 -5.37 -16.48
N GLN A 119 1.35 -5.68 -17.21
CA GLN A 119 1.25 -5.68 -18.68
C GLN A 119 0.13 -6.58 -19.19
N THR A 120 -0.55 -6.13 -20.26
CA THR A 120 -1.54 -6.95 -20.98
C THR A 120 -1.54 -6.69 -22.47
N SER A 121 -2.01 -7.69 -23.23
N SER A 121 -2.04 -7.68 -23.22
CA SER A 121 -2.06 -7.65 -24.70
CA SER A 121 -2.41 -7.55 -24.63
C SER A 121 -3.47 -7.88 -25.24
C SER A 121 -3.57 -8.49 -24.93
N MET B 3 -10.04 41.50 -6.26
CA MET B 3 -11.10 40.74 -6.95
CA MET B 3 -11.17 40.72 -6.79
C MET B 3 -10.90 39.22 -6.74
N ALA B 4 -11.93 38.56 -6.24
CA ALA B 4 -11.88 37.11 -6.04
C ALA B 4 -11.61 36.42 -7.37
N GLN B 5 -10.64 35.51 -7.36
CA GLN B 5 -10.24 34.82 -8.57
C GLN B 5 -10.88 33.45 -8.57
N GLU B 6 -11.51 33.12 -9.68
CA GLU B 6 -12.09 31.80 -9.93
C GLU B 6 -11.10 30.89 -10.64
N LEU B 7 -11.48 29.62 -10.76
CA LEU B 7 -10.69 28.61 -11.39
C LEU B 7 -10.83 28.71 -12.91
N THR B 8 -9.94 29.42 -13.58
CA THR B 8 -10.03 29.73 -15.00
C THR B 8 -8.70 29.53 -15.71
N ALA B 9 -8.74 29.53 -17.04
CA ALA B 9 -7.52 29.65 -17.82
C ALA B 9 -6.82 30.97 -17.41
N MET B 10 -5.52 31.05 -17.56
CA MET B 10 -4.80 32.28 -17.27
C MET B 10 -4.98 32.75 -15.83
N SER B 11 -4.85 31.82 -14.88
CA SER B 11 -4.91 32.16 -13.45
C SER B 11 -3.68 31.62 -12.76
N ALA B 12 -3.22 32.33 -11.74
CA ALA B 12 -2.00 31.95 -11.01
C ALA B 12 -2.30 31.80 -9.55
N TRP B 13 -1.55 30.89 -8.92
CA TRP B 13 -1.86 30.43 -7.57
C TRP B 13 -0.55 30.12 -6.86
N VAL B 14 -0.38 30.62 -5.64
CA VAL B 14 0.90 30.51 -4.97
CA VAL B 14 0.89 30.54 -4.94
C VAL B 14 0.74 29.75 -3.66
N ASN B 15 1.61 28.77 -3.43
CA ASN B 15 1.47 27.92 -2.25
C ASN B 15 2.29 28.42 -1.06
N GLN B 16 2.31 27.62 0.00
CA GLN B 16 2.92 28.01 1.26
C GLN B 16 4.46 28.10 1.15
N ASP B 17 5.05 27.49 0.12
CA ASP B 17 6.49 27.59 -0.16
C ASP B 17 6.81 28.80 -0.98
N GLY B 18 5.81 29.50 -1.49
CA GLY B 18 6.04 30.59 -2.44
C GLY B 18 6.15 30.12 -3.90
N SER B 19 5.81 28.86 -4.15
CA SER B 19 5.81 28.28 -5.50
C SER B 19 4.54 28.66 -6.22
N THR B 20 4.63 28.91 -7.52
CA THR B 20 3.47 29.33 -8.30
C THR B 20 3.10 28.34 -9.39
N LEU B 21 1.79 28.03 -9.41
CA LEU B 21 1.16 27.35 -10.53
C LEU B 21 0.59 28.42 -11.44
N TYR B 22 1.06 28.46 -12.68
CA TYR B 22 0.58 29.36 -13.72
C TYR B 22 -0.29 28.52 -14.65
N ILE B 23 -1.61 28.64 -14.50
CA ILE B 23 -2.50 27.90 -15.38
C ILE B 23 -2.59 28.68 -16.68
N ASN B 24 -2.24 28.02 -17.78
CA ASN B 24 -2.25 28.66 -19.08
C ASN B 24 -3.52 28.44 -19.91
N SER B 25 -3.88 27.20 -20.21
CA SER B 25 -5.12 26.91 -20.92
C SER B 25 -5.93 25.90 -20.14
N ILE B 26 -7.24 26.05 -20.25
CA ILE B 26 -8.19 25.02 -19.86
C ILE B 26 -9.10 24.87 -21.06
N ASN B 27 -9.03 23.75 -21.78
CA ASN B 27 -9.78 23.63 -23.04
C ASN B 27 -11.21 23.24 -22.78
N ALA B 28 -11.96 23.01 -23.86
CA ALA B 28 -13.39 22.73 -23.74
C ALA B 28 -13.72 21.47 -22.93
N GLN B 29 -12.78 20.54 -22.88
CA GLN B 29 -12.96 19.30 -22.13
C GLN B 29 -12.43 19.42 -20.71
N GLY B 30 -11.82 20.53 -20.38
CA GLY B 30 -11.25 20.71 -19.04
C GLY B 30 -9.82 20.29 -18.94
N GLU B 31 -9.17 19.95 -20.06
CA GLU B 31 -7.75 19.58 -19.99
C GLU B 31 -6.92 20.84 -19.77
N LEU B 32 -5.97 20.73 -18.85
CA LEU B 32 -5.19 21.87 -18.38
C LEU B 32 -3.77 21.84 -18.90
N THR B 33 -3.22 23.02 -19.22
CA THR B 33 -1.77 23.20 -19.43
C THR B 33 -1.32 24.36 -18.56
N GLY B 34 -0.05 24.36 -18.22
CA GLY B 34 0.50 25.46 -17.47
C GLY B 34 1.97 25.26 -17.20
N SER B 35 2.47 26.08 -16.28
CA SER B 35 3.86 26.01 -15.85
C SER B 35 3.89 26.10 -14.33
N TYR B 36 4.96 25.57 -13.73
CA TYR B 36 5.16 25.62 -12.31
C TYR B 36 6.54 26.16 -12.00
N ILE B 37 6.64 27.12 -11.08
CA ILE B 37 7.94 27.56 -10.56
C ILE B 37 7.99 27.28 -9.08
N ASN B 38 8.96 26.45 -8.70
CA ASN B 38 9.22 26.06 -7.32
C ASN B 38 10.10 27.09 -6.65
N ARG B 39 9.73 27.49 -5.45
CA ARG B 39 10.54 28.45 -4.67
C ARG B 39 10.73 27.97 -3.24
N ALA B 40 10.56 26.68 -3.00
CA ALA B 40 10.70 26.15 -1.63
C ALA B 40 12.15 26.30 -1.20
N ALA B 41 12.35 26.94 -0.06
CA ALA B 41 13.70 27.21 0.44
C ALA B 41 14.51 25.93 0.60
N GLY B 42 15.71 25.97 0.07
CA GLY B 42 16.66 24.85 0.16
C GLY B 42 16.41 23.73 -0.87
N ALA B 43 15.30 23.81 -1.61
CA ALA B 43 14.98 22.75 -2.56
C ALA B 43 15.78 22.86 -3.84
N ALA B 44 15.92 21.74 -4.55
CA ALA B 44 16.45 21.78 -5.90
C ALA B 44 15.31 22.17 -6.88
N CYS B 45 15.68 22.35 -8.14
CA CYS B 45 14.71 22.75 -9.18
C CYS B 45 13.90 23.98 -8.83
N GLN B 46 14.59 25.01 -8.35
CA GLN B 46 13.94 26.27 -8.05
C GLN B 46 14.06 27.27 -9.20
N ASN B 47 13.10 28.19 -9.26
CA ASN B 47 13.23 29.42 -10.05
C ASN B 47 13.24 29.21 -11.55
N SER B 48 12.77 28.08 -12.04
CA SER B 48 12.71 27.86 -13.48
C SER B 48 11.40 27.16 -13.78
N PRO B 49 10.87 27.34 -15.00
CA PRO B 49 9.50 26.84 -15.26
C PRO B 49 9.49 25.35 -15.65
N TYR B 50 8.59 24.60 -15.00
CA TYR B 50 8.39 23.18 -15.31
C TYR B 50 6.99 23.05 -15.91
N PRO B 51 6.85 22.32 -17.04
CA PRO B 51 5.52 22.15 -17.62
C PRO B 51 4.56 21.37 -16.75
N VAL B 52 3.30 21.72 -16.85
CA VAL B 52 2.22 21.10 -16.07
C VAL B 52 1.10 20.66 -17.02
N ASN B 53 0.51 19.52 -16.71
CA ASN B 53 -0.75 19.14 -17.35
C ASN B 53 -1.71 18.68 -16.26
N GLY B 54 -2.95 18.40 -16.65
CA GLY B 54 -3.96 17.98 -15.68
C GLY B 54 -5.37 18.18 -16.21
N TRP B 55 -6.30 18.25 -15.28
CA TRP B 55 -7.74 18.28 -15.57
C TRP B 55 -8.44 19.19 -14.58
N VAL B 56 -9.52 19.81 -15.06
CA VAL B 56 -10.45 20.54 -14.19
C VAL B 56 -11.84 19.96 -14.44
N PHE B 57 -12.60 19.77 -13.37
CA PHE B 57 -13.97 19.26 -13.42
C PHE B 57 -14.75 20.05 -12.37
N GLY B 58 -15.36 21.15 -12.81
CA GLY B 58 -16.03 22.04 -11.89
C GLY B 58 -15.03 22.68 -10.96
N THR B 59 -15.12 22.36 -9.67
CA THR B 59 -14.14 22.86 -8.73
C THR B 59 -13.03 21.85 -8.43
N ALA B 60 -13.15 20.62 -8.92
CA ALA B 60 -12.09 19.64 -8.75
C ALA B 60 -10.99 19.91 -9.76
N ILE B 61 -9.76 19.66 -9.34
CA ILE B 61 -8.61 19.84 -10.21
C ILE B 61 -7.53 18.83 -9.89
N SER B 62 -6.90 18.31 -10.94
CA SER B 62 -5.62 17.61 -10.77
CA SER B 62 -5.63 17.61 -10.77
C SER B 62 -4.59 18.30 -11.65
N PHE B 63 -3.35 18.32 -11.18
CA PHE B 63 -2.26 18.78 -12.05
C PHE B 63 -1.00 18.04 -11.67
N SER B 64 -0.09 17.92 -12.63
CA SER B 64 1.13 17.15 -12.43
C SER B 64 2.27 17.80 -13.18
N THR B 65 3.46 17.73 -12.59
CA THR B 65 4.67 18.25 -13.22
C THR B 65 5.78 17.21 -13.15
N LYS B 66 6.48 17.04 -14.26
CA LYS B 66 7.71 16.26 -14.31
C LYS B 66 8.89 17.20 -14.03
N TRP B 67 9.75 16.83 -13.07
CA TRP B 67 10.80 17.74 -12.67
C TRP B 67 12.02 17.56 -13.58
N LEU B 68 11.84 17.89 -14.86
CA LEU B 68 12.93 17.97 -15.82
C LEU B 68 12.61 19.15 -16.72
N ASN B 69 13.57 20.04 -16.86
CA ASN B 69 13.46 21.09 -17.85
C ASN B 69 14.83 21.38 -18.41
N SER B 70 14.95 22.45 -19.16
CA SER B 70 16.20 22.75 -19.84
C SER B 70 17.36 23.16 -18.93
N VAL B 71 17.10 23.45 -17.65
CA VAL B 71 18.16 23.82 -16.72
C VAL B 71 18.44 22.84 -15.62
N GLU B 72 17.46 22.03 -15.21
CA GLU B 72 17.70 21.20 -14.04
C GLU B 72 16.74 20.02 -13.95
N SER B 73 17.23 18.89 -13.47
CA SER B 73 16.42 17.68 -13.21
C SER B 73 16.36 17.41 -11.72
N CYS B 74 15.19 16.99 -11.24
CA CYS B 74 15.05 16.48 -9.88
C CYS B 74 14.50 15.07 -9.83
N ASN B 75 14.59 14.38 -10.97
CA ASN B 75 14.41 12.92 -11.15
CA ASN B 75 14.51 12.92 -10.90
C ASN B 75 13.14 12.35 -10.51
N SER B 76 12.05 13.11 -10.70
CA SER B 76 10.78 12.76 -10.06
CA SER B 76 10.78 12.82 -10.01
C SER B 76 9.61 13.48 -10.71
N ILE B 77 8.40 13.12 -10.27
CA ILE B 77 7.15 13.68 -10.78
C ILE B 77 6.26 13.93 -9.57
N THR B 78 5.70 15.13 -9.51
CA THR B 78 4.70 15.47 -8.47
C THR B 78 3.33 15.55 -9.10
N SER B 79 2.35 14.99 -8.39
CA SER B 79 0.93 15.07 -8.79
C SER B 79 0.11 15.59 -7.65
N TRP B 80 -0.69 16.61 -7.96
CA TRP B 80 -1.60 17.21 -7.01
C TRP B 80 -3.04 16.86 -7.36
N SER B 81 -3.85 16.60 -6.33
CA SER B 81 -5.29 16.46 -6.44
C SER B 81 -5.90 17.43 -5.48
N GLY B 82 -6.91 18.15 -5.95
CA GLY B 82 -7.51 19.11 -5.05
C GLY B 82 -8.72 19.80 -5.57
N PHE B 83 -9.04 20.93 -4.95
CA PHE B 83 -10.30 21.59 -5.25
C PHE B 83 -10.20 23.08 -4.96
N TYR B 84 -10.95 23.83 -5.74
CA TYR B 84 -11.08 25.27 -5.53
C TYR B 84 -12.08 25.56 -4.43
N ILE B 85 -11.76 26.54 -3.59
CA ILE B 85 -12.69 27.05 -2.58
C ILE B 85 -12.48 28.55 -2.49
N ASN B 86 -13.55 29.26 -2.20
CA ASN B 86 -13.50 30.69 -1.91
C ASN B 86 -13.75 30.85 -0.41
N THR B 87 -12.72 31.27 0.33
CA THR B 87 -12.81 31.53 1.78
C THR B 87 -12.15 32.86 2.08
N GLY B 88 -12.75 33.60 3.02
CA GLY B 88 -12.30 34.95 3.37
C GLY B 88 -12.26 35.87 2.17
N GLY B 89 -13.17 35.63 1.22
CA GLY B 89 -13.26 36.44 0.01
C GLY B 89 -12.12 36.28 -0.98
N GLN B 90 -11.38 35.18 -0.87
CA GLN B 90 -10.27 34.92 -1.78
C GLN B 90 -10.34 33.50 -2.33
N GLY B 91 -9.93 33.33 -3.57
CA GLY B 91 -9.88 31.98 -4.16
C GLY B 91 -8.63 31.25 -3.73
N LYS B 92 -8.78 29.94 -3.53
CA LYS B 92 -7.63 29.06 -3.21
C LYS B 92 -7.88 27.71 -3.82
N ILE B 93 -6.80 26.98 -4.00
CA ILE B 93 -6.82 25.57 -4.41
C ILE B 93 -6.18 24.75 -3.29
N SER B 94 -6.98 23.94 -2.62
CA SER B 94 -6.50 23.09 -1.54
C SER B 94 -6.20 21.71 -2.09
N THR B 95 -4.98 21.19 -1.83
CA THR B 95 -4.55 19.98 -2.50
C THR B 95 -3.85 19.00 -1.57
N LEU B 96 -3.84 17.73 -1.99
CA LEU B 96 -2.92 16.71 -1.51
C LEU B 96 -2.03 16.39 -2.66
N TRP B 97 -0.77 16.08 -2.37
CA TRP B 97 0.13 15.71 -3.45
C TRP B 97 0.91 14.44 -3.14
N GLN B 98 1.40 13.81 -4.21
CA GLN B 98 2.29 12.65 -4.16
C GLN B 98 3.45 12.91 -5.07
N LEU B 99 4.63 12.50 -4.62
CA LEU B 99 5.89 12.66 -5.35
CA LEU B 99 5.85 12.64 -5.42
C LEU B 99 6.49 11.28 -5.56
N VAL B 100 6.70 10.89 -6.83
CA VAL B 100 7.34 9.61 -7.13
C VAL B 100 8.69 9.86 -7.77
N VAL B 101 9.68 9.16 -7.25
CA VAL B 101 11.05 9.30 -7.70
C VAL B 101 11.39 8.19 -8.70
N ASN B 102 11.97 8.62 -9.81
CA ASN B 102 12.53 7.69 -10.79
C ASN B 102 13.46 6.68 -10.08
N GLY B 103 13.29 5.40 -10.39
CA GLY B 103 14.14 4.32 -9.85
C GLY B 103 13.61 3.74 -8.55
N SER B 104 12.43 4.15 -8.09
CA SER B 104 11.84 3.64 -6.84
C SER B 104 11.55 2.15 -6.90
N SER B 105 11.51 1.52 -5.73
CA SER B 105 11.22 0.08 -5.66
C SER B 105 10.07 -0.24 -4.72
N SER B 106 9.59 0.74 -3.95
CA SER B 106 8.53 0.48 -2.98
C SER B 106 7.57 1.68 -2.89
N PRO B 107 6.26 1.43 -2.70
CA PRO B 107 5.34 2.55 -2.52
C PRO B 107 5.66 3.39 -1.29
N SER B 108 6.37 2.83 -0.30
CA SER B 108 6.76 3.64 0.85
C SER B 108 7.70 4.79 0.49
N GLN B 109 8.28 4.74 -0.71
CA GLN B 109 9.18 5.80 -1.18
C GLN B 109 8.46 6.94 -1.87
N ILE B 110 7.15 6.77 -2.08
CA ILE B 110 6.35 7.86 -2.66
C ILE B 110 6.07 8.87 -1.52
N LEU B 111 6.49 10.11 -1.68
CA LEU B 111 6.35 11.13 -0.65
C LEU B 111 4.96 11.75 -0.79
N LYS B 112 4.38 12.13 0.34
CA LYS B 112 3.03 12.69 0.38
C LYS B 112 3.03 13.95 1.19
N GLY B 113 2.20 14.91 0.77
CA GLY B 113 2.03 16.12 1.53
C GLY B 113 0.78 16.82 1.08
N GLN B 114 0.70 18.10 1.44
CA GLN B 114 -0.45 18.91 1.12
C GLN B 114 0.02 20.33 0.94
N ASP B 115 -0.61 20.98 -0.01
CA ASP B 115 -0.34 22.37 -0.32
C ASP B 115 -1.62 23.14 -0.46
N VAL B 116 -1.62 24.38 -0.02
CA VAL B 116 -2.72 25.25 -0.42
CA VAL B 116 -2.72 25.33 -0.31
C VAL B 116 -2.19 26.42 -1.21
N PHE B 117 -2.83 26.61 -2.36
CA PHE B 117 -2.41 27.62 -3.33
C PHE B 117 -3.40 28.76 -3.30
N SER B 118 -2.95 29.96 -2.97
CA SER B 118 -3.85 31.13 -2.93
C SER B 118 -3.76 31.91 -4.21
N GLN B 119 -4.85 32.58 -4.60
CA GLN B 119 -4.80 33.45 -5.76
C GLN B 119 -3.65 34.46 -5.67
N THR B 120 -3.02 34.73 -6.81
CA THR B 120 -1.98 35.74 -6.91
C THR B 120 -1.93 36.43 -8.28
N SER B 121 -1.44 37.67 -8.27
CA SER B 121 -1.11 38.42 -9.48
C SER B 121 0.21 39.15 -9.25
N ALA C 4 -21.29 -3.41 3.51
CA ALA C 4 -19.85 -3.56 3.85
C ALA C 4 -19.60 -4.90 4.54
N GLN C 5 -18.68 -5.66 3.95
CA GLN C 5 -18.25 -6.95 4.49
C GLN C 5 -17.50 -6.64 5.78
N GLU C 6 -17.71 -7.46 6.82
CA GLU C 6 -16.95 -7.35 8.07
C GLU C 6 -15.96 -8.50 8.19
N LEU C 7 -15.17 -8.53 9.28
CA LEU C 7 -14.21 -9.62 9.50
C LEU C 7 -14.99 -10.85 9.99
N THR C 8 -15.49 -11.59 9.02
CA THR C 8 -16.30 -12.75 9.32
C THR C 8 -15.78 -13.99 8.64
N ALA C 9 -16.21 -15.15 9.11
CA ALA C 9 -15.99 -16.38 8.38
C ALA C 9 -16.58 -16.13 7.00
N MET C 10 -16.04 -16.84 6.02
CA MET C 10 -16.54 -16.81 4.66
C MET C 10 -16.55 -15.41 4.10
N SER C 11 -15.46 -14.67 4.33
CA SER C 11 -15.26 -13.38 3.68
C SER C 11 -14.00 -13.42 2.85
N ALA C 12 -13.99 -12.69 1.73
CA ALA C 12 -12.84 -12.66 0.82
C ALA C 12 -12.36 -11.25 0.60
N TRP C 13 -11.06 -11.10 0.36
CA TRP C 13 -10.39 -9.80 0.39
C TRP C 13 -9.28 -9.80 -0.63
N VAL C 14 -9.28 -8.83 -1.55
CA VAL C 14 -8.32 -8.77 -2.64
CA VAL C 14 -8.33 -8.76 -2.65
C VAL C 14 -7.39 -7.57 -2.48
N ASN C 15 -6.09 -7.82 -2.59
CA ASN C 15 -5.13 -6.71 -2.46
C ASN C 15 -4.75 -6.05 -3.78
N GLN C 16 -3.83 -5.11 -3.72
CA GLN C 16 -3.48 -4.31 -4.87
C GLN C 16 -2.82 -5.13 -5.98
N ASP C 17 -2.27 -6.30 -5.64
CA ASP C 17 -1.69 -7.20 -6.63
C ASP C 17 -2.71 -8.12 -7.26
N GLY C 18 -3.94 -8.14 -6.76
CA GLY C 18 -4.92 -9.12 -7.23
C GLY C 18 -4.93 -10.42 -6.43
N SER C 19 -4.14 -10.50 -5.37
CA SER C 19 -4.10 -11.69 -4.51
C SER C 19 -5.30 -11.68 -3.59
N THR C 20 -5.84 -12.86 -3.27
CA THR C 20 -7.02 -12.97 -2.44
C THR C 20 -6.79 -13.78 -1.17
N LEU C 21 -7.22 -13.20 -0.05
CA LEU C 21 -7.39 -13.93 1.19
C LEU C 21 -8.83 -14.42 1.28
N TYR C 22 -8.99 -15.72 1.45
CA TYR C 22 -10.30 -16.36 1.60
C TYR C 22 -10.36 -16.81 3.05
N ILE C 23 -11.11 -16.10 3.87
CA ILE C 23 -11.25 -16.48 5.26
C ILE C 23 -12.32 -17.55 5.31
N ASN C 24 -11.97 -18.73 5.80
CA ASN C 24 -12.88 -19.86 5.91
C ASN C 24 -13.64 -19.94 7.23
N SER C 25 -12.94 -19.84 8.34
CA SER C 25 -13.54 -19.94 9.66
C SER C 25 -12.93 -18.92 10.59
N ILE C 26 -13.73 -18.41 11.51
CA ILE C 26 -13.26 -17.64 12.65
C ILE C 26 -14.03 -18.22 13.82
N ASN C 27 -13.32 -18.87 14.73
CA ASN C 27 -13.98 -19.60 15.81
C ASN C 27 -14.36 -18.65 16.95
N ALA C 28 -14.92 -19.21 18.03
CA ALA C 28 -15.42 -18.38 19.11
C ALA C 28 -14.36 -17.55 19.80
N GLN C 29 -13.10 -17.97 19.68
CA GLN C 29 -11.99 -17.26 20.28
C GLN C 29 -11.35 -16.29 19.29
N GLY C 30 -11.84 -16.26 18.05
CA GLY C 30 -11.25 -15.40 17.03
C GLY C 30 -10.11 -16.02 16.27
N GLU C 31 -9.89 -17.31 16.43
CA GLU C 31 -8.83 -17.96 15.67
C GLU C 31 -9.33 -18.21 14.25
N LEU C 32 -8.48 -17.87 13.28
CA LEU C 32 -8.85 -17.84 11.88
C LEU C 32 -8.20 -18.97 11.09
N THR C 33 -8.93 -19.50 10.11
CA THR C 33 -8.36 -20.38 9.10
C THR C 33 -8.76 -19.86 7.74
N GLY C 34 -7.98 -20.14 6.72
CA GLY C 34 -8.39 -19.74 5.38
C GLY C 34 -7.36 -20.21 4.37
N SER C 35 -7.46 -19.64 3.18
CA SER C 35 -6.54 -19.89 2.08
C SER C 35 -6.13 -18.59 1.46
N TYR C 36 -4.97 -18.56 0.81
CA TYR C 36 -4.49 -17.38 0.12
C TYR C 36 -4.08 -17.81 -1.27
N ILE C 37 -4.47 -17.01 -2.27
CA ILE C 37 -4.01 -17.20 -3.64
C ILE C 37 -3.29 -15.91 -4.06
N ASN C 38 -2.00 -16.07 -4.37
CA ASN C 38 -1.14 -15.01 -4.84
C ASN C 38 -1.33 -14.80 -6.33
N ARG C 39 -1.46 -13.54 -6.75
CA ARG C 39 -1.59 -13.24 -8.18
C ARG C 39 -0.68 -12.08 -8.57
N ALA C 40 0.33 -11.76 -7.75
CA ALA C 40 1.26 -10.67 -8.09
C ALA C 40 1.97 -11.00 -9.40
N ALA C 41 1.83 -10.14 -10.41
CA ALA C 41 2.36 -10.46 -11.74
C ALA C 41 3.85 -10.73 -11.68
N GLY C 42 4.26 -11.85 -12.29
CA GLY C 42 5.67 -12.22 -12.36
C GLY C 42 6.21 -12.92 -11.14
N ALA C 43 5.41 -12.99 -10.08
CA ALA C 43 5.86 -13.64 -8.85
C ALA C 43 5.82 -15.17 -8.94
N ALA C 44 6.55 -15.82 -8.06
CA ALA C 44 6.43 -17.27 -7.88
C ALA C 44 5.24 -17.58 -6.99
N CYS C 45 4.89 -18.85 -6.90
CA CYS C 45 3.79 -19.31 -6.06
C CYS C 45 2.49 -18.58 -6.35
N GLN C 46 2.16 -18.47 -7.63
CA GLN C 46 0.87 -17.88 -8.02
C GLN C 46 -0.18 -18.94 -8.27
N ASN C 47 -1.44 -18.54 -8.16
CA ASN C 47 -2.58 -19.27 -8.69
C ASN C 47 -2.88 -20.61 -8.03
N SER C 48 -2.35 -20.84 -6.85
CA SER C 48 -2.65 -22.09 -6.13
C SER C 48 -2.89 -21.72 -4.69
N PRO C 49 -3.69 -22.51 -3.96
CA PRO C 49 -4.05 -22.10 -2.61
C PRO C 49 -3.00 -22.47 -1.57
N TYR C 50 -2.68 -21.50 -0.72
CA TYR C 50 -1.78 -21.70 0.40
C TYR C 50 -2.57 -21.53 1.70
N PRO C 51 -2.55 -22.55 2.61
N PRO C 51 -2.18 -22.32 2.73
CA PRO C 51 -3.27 -22.39 3.88
CA PRO C 51 -2.95 -22.37 3.97
C PRO C 51 -2.81 -21.22 4.75
C PRO C 51 -2.71 -21.14 4.81
N VAL C 52 -3.76 -20.68 5.49
CA VAL C 52 -3.62 -19.48 6.31
C VAL C 52 -4.12 -19.76 7.71
N ASN C 53 -3.42 -19.27 8.71
CA ASN C 53 -4.00 -19.18 10.07
C ASN C 53 -3.81 -17.77 10.59
N GLY C 54 -4.36 -17.49 11.77
CA GLY C 54 -4.21 -16.17 12.37
C GLY C 54 -5.25 -15.91 13.43
N TRP C 55 -5.53 -14.63 13.68
CA TRP C 55 -6.40 -14.18 14.76
C TRP C 55 -7.16 -12.94 14.35
N VAL C 56 -8.35 -12.81 14.90
CA VAL C 56 -9.12 -11.57 14.79
C VAL C 56 -9.46 -11.11 16.20
N PHE C 57 -9.28 -9.82 16.44
CA PHE C 57 -9.62 -9.21 17.72
C PHE C 57 -10.34 -7.90 17.44
N GLY C 58 -11.67 -7.93 17.40
CA GLY C 58 -12.45 -6.75 16.97
C GLY C 58 -12.11 -6.38 15.53
N THR C 59 -11.49 -5.22 15.34
CA THR C 59 -11.08 -4.79 13.99
C THR C 59 -9.62 -5.13 13.68
N ALA C 60 -8.87 -5.64 14.66
CA ALA C 60 -7.47 -6.05 14.44
C ALA C 60 -7.43 -7.47 13.90
N ILE C 61 -6.51 -7.72 13.00
CA ILE C 61 -6.39 -9.05 12.43
C ILE C 61 -4.92 -9.35 12.13
N SER C 62 -4.51 -10.59 12.40
CA SER C 62 -3.24 -11.08 11.87
CA SER C 62 -3.25 -11.05 11.84
C SER C 62 -3.52 -12.34 11.06
N PHE C 63 -2.76 -12.55 10.00
CA PHE C 63 -2.85 -13.82 9.30
C PHE C 63 -1.48 -14.14 8.73
N SER C 64 -1.20 -15.42 8.52
CA SER C 64 0.11 -15.87 8.06
CA SER C 64 0.10 -15.88 8.06
C SER C 64 -0.05 -17.08 7.17
N THR C 65 0.79 -17.16 6.15
CA THR C 65 0.81 -18.29 5.24
C THR C 65 2.24 -18.81 5.07
N LYS C 66 2.38 -20.14 5.07
CA LYS C 66 3.61 -20.81 4.69
C LYS C 66 3.56 -21.11 3.18
N TRP C 67 4.60 -20.68 2.46
CA TRP C 67 4.59 -20.83 1.00
C TRP C 67 5.09 -22.21 0.58
N LEU C 68 4.31 -23.22 0.99
CA LEU C 68 4.52 -24.60 0.53
C LEU C 68 3.17 -25.20 0.36
N ASN C 69 2.90 -25.77 -0.80
CA ASN C 69 1.68 -26.55 -0.97
C ASN C 69 2.05 -27.69 -1.92
N SER C 70 1.03 -28.37 -2.43
CA SER C 70 1.23 -29.57 -3.26
C SER C 70 1.77 -29.27 -4.65
N VAL C 71 1.82 -28.00 -5.07
CA VAL C 71 2.31 -27.67 -6.41
C VAL C 71 3.57 -26.82 -6.47
N GLU C 72 3.86 -26.03 -5.43
CA GLU C 72 5.02 -25.13 -5.50
C GLU C 72 5.45 -24.66 -4.13
N SER C 73 6.77 -24.53 -3.99
CA SER C 73 7.40 -23.96 -2.79
C SER C 73 8.06 -22.63 -3.10
N CYS C 74 7.90 -21.66 -2.21
CA CYS C 74 8.74 -20.46 -2.23
C CYS C 74 9.60 -20.32 -0.97
N ASN C 75 9.71 -21.40 -0.18
CA ASN C 75 10.76 -21.49 0.85
C ASN C 75 10.70 -20.37 1.88
N SER C 76 9.49 -19.92 2.21
CA SER C 76 9.35 -18.75 3.06
CA SER C 76 9.30 -18.69 2.99
C SER C 76 7.97 -18.72 3.71
N ILE C 77 7.76 -17.73 4.58
CA ILE C 77 6.49 -17.55 5.31
C ILE C 77 6.21 -16.04 5.32
N THR C 78 4.97 -15.67 4.97
CA THR C 78 4.56 -14.26 5.09
C THR C 78 3.56 -14.11 6.23
N SER C 79 3.70 -13.02 6.98
CA SER C 79 2.79 -12.67 8.04
C SER C 79 2.28 -11.24 7.83
N TRP C 80 0.98 -11.07 7.95
CA TRP C 80 0.32 -9.77 7.85
C TRP C 80 -0.24 -9.39 9.21
N SER C 81 -0.11 -8.10 9.52
CA SER C 81 -0.79 -7.49 10.69
C SER C 81 -1.59 -6.34 10.14
N GLY C 82 -2.86 -6.22 10.54
CA GLY C 82 -3.62 -5.10 10.02
C GLY C 82 -4.92 -4.88 10.73
N PHE C 83 -5.72 -4.04 10.10
CA PHE C 83 -6.95 -3.62 10.75
C PHE C 83 -8.00 -3.34 9.71
N TYR C 84 -9.24 -3.55 10.13
CA TYR C 84 -10.36 -3.29 9.27
C TYR C 84 -10.79 -1.85 9.30
N ILE C 85 -11.11 -1.36 8.14
CA ILE C 85 -11.74 -0.06 8.00
CA ILE C 85 -11.79 -0.09 8.07
C ILE C 85 -12.99 -0.22 7.12
N ASN C 86 -14.04 0.52 7.45
CA ASN C 86 -15.27 0.59 6.66
C ASN C 86 -15.22 1.99 6.12
N THR C 87 -14.93 2.10 4.82
CA THR C 87 -14.77 3.39 4.19
C THR C 87 -15.45 3.34 2.84
N GLY C 88 -16.18 4.40 2.50
CA GLY C 88 -16.98 4.39 1.27
C GLY C 88 -17.91 3.20 1.19
N GLY C 89 -18.48 2.81 2.33
CA GLY C 89 -19.38 1.64 2.43
C GLY C 89 -18.77 0.31 2.01
N GLN C 90 -17.44 0.27 1.92
CA GLN C 90 -16.70 -0.93 1.53
C GLN C 90 -15.76 -1.29 2.66
N GLY C 91 -15.72 -2.57 2.99
CA GLY C 91 -14.73 -3.03 3.94
C GLY C 91 -13.35 -3.13 3.29
N LYS C 92 -12.33 -2.73 4.05
CA LYS C 92 -10.93 -2.95 3.66
C LYS C 92 -10.14 -3.41 4.85
N ILE C 93 -9.03 -4.07 4.58
CA ILE C 93 -8.08 -4.45 5.62
C ILE C 93 -6.76 -3.82 5.21
N SER C 94 -6.25 -2.91 6.05
CA SER C 94 -4.99 -2.26 5.78
C SER C 94 -3.93 -3.00 6.57
N THR C 95 -2.88 -3.47 5.88
CA THR C 95 -1.89 -4.36 6.52
C THR C 95 -0.46 -3.95 6.25
N LEU C 96 0.39 -4.41 7.16
CA LEU C 96 1.82 -4.40 6.94
C LEU C 96 2.25 -5.86 7.01
N TRP C 97 3.10 -6.29 6.10
CA TRP C 97 3.54 -7.67 6.08
C TRP C 97 5.03 -7.80 6.25
N GLN C 98 5.43 -9.01 6.67
CA GLN C 98 6.83 -9.42 6.83
C GLN C 98 6.96 -10.80 6.19
N LEU C 99 8.04 -10.97 5.45
CA LEU C 99 8.36 -12.21 4.74
CA LEU C 99 8.34 -12.25 4.79
C LEU C 99 9.72 -12.70 5.23
N VAL C 100 9.77 -13.89 5.79
CA VAL C 100 11.02 -14.52 6.20
C VAL C 100 11.28 -15.76 5.37
N VAL C 101 12.50 -15.84 4.88
CA VAL C 101 12.94 -16.93 4.04
C VAL C 101 13.70 -17.97 4.87
N ASN C 102 13.38 -19.24 4.63
CA ASN C 102 14.11 -20.34 5.26
C ASN C 102 15.60 -20.19 5.01
N GLY C 103 16.38 -20.40 6.07
CA GLY C 103 17.83 -20.32 5.98
C GLY C 103 18.43 -18.93 6.22
N SER C 104 17.61 -17.93 6.52
CA SER C 104 18.09 -16.57 6.80
C SER C 104 19.02 -16.56 8.00
N SER C 105 19.94 -15.60 8.00
CA SER C 105 20.89 -15.44 9.10
C SER C 105 20.87 -14.07 9.76
N SER C 106 20.16 -13.12 9.16
CA SER C 106 20.11 -11.76 9.67
C SER C 106 18.70 -11.22 9.61
N PRO C 107 18.29 -10.45 10.62
CA PRO C 107 16.98 -9.83 10.57
C PRO C 107 16.80 -8.86 9.40
N SER C 108 17.92 -8.35 8.86
CA SER C 108 17.86 -7.49 7.69
C SER C 108 17.44 -8.23 6.41
N GLN C 109 17.35 -9.56 6.44
CA GLN C 109 16.86 -10.32 5.31
C GLN C 109 15.34 -10.48 5.28
N ILE C 110 14.67 -10.05 6.35
CA ILE C 110 13.22 -10.17 6.44
C ILE C 110 12.68 -9.01 5.61
N LEU C 111 11.87 -9.35 4.61
CA LEU C 111 11.30 -8.34 3.71
C LEU C 111 10.00 -7.79 4.26
N LYS C 112 9.71 -6.55 3.95
CA LYS C 112 8.53 -5.90 4.47
C LYS C 112 7.81 -5.12 3.39
N GLY C 113 6.51 -4.96 3.56
CA GLY C 113 5.72 -4.13 2.64
C GLY C 113 4.35 -3.85 3.22
N GLN C 114 3.54 -3.17 2.43
CA GLN C 114 2.17 -2.82 2.82
C GLN C 114 1.22 -3.39 1.78
N ASP C 115 0.16 -4.04 2.26
CA ASP C 115 -0.91 -4.52 1.37
C ASP C 115 -2.22 -3.94 1.86
N VAL C 116 -3.02 -3.44 0.94
CA VAL C 116 -4.40 -3.02 1.28
C VAL C 116 -5.36 -3.95 0.56
N PHE C 117 -6.21 -4.63 1.33
CA PHE C 117 -7.19 -5.57 0.80
C PHE C 117 -8.56 -4.91 0.81
N SER C 118 -9.34 -5.17 -0.24
CA SER C 118 -10.71 -4.67 -0.36
C SER C 118 -11.66 -5.86 -0.39
N GLN C 119 -12.85 -5.71 0.17
CA GLN C 119 -13.84 -6.80 0.08
C GLN C 119 -14.07 -7.23 -1.38
N THR C 120 -14.27 -8.54 -1.60
CA THR C 120 -14.69 -9.06 -2.92
C THR C 120 -15.76 -10.12 -2.77
N MET D 3 22.31 -29.16 26.09
CA MET D 3 22.55 -29.39 24.64
C MET D 3 21.72 -28.48 23.75
N ALA D 4 22.27 -28.26 22.58
CA ALA D 4 21.70 -27.35 21.59
C ALA D 4 20.28 -27.79 21.20
N GLN D 5 19.34 -26.87 21.31
CA GLN D 5 17.95 -27.17 21.10
C GLN D 5 17.60 -26.74 19.67
N GLU D 6 16.97 -27.64 18.92
CA GLU D 6 16.52 -27.32 17.58
C GLU D 6 15.07 -26.91 17.59
N LEU D 7 14.62 -26.47 16.43
CA LEU D 7 13.27 -26.01 16.27
C LEU D 7 12.30 -27.19 16.10
N THR D 8 11.64 -27.60 17.18
CA THR D 8 10.82 -28.82 17.26
C THR D 8 9.53 -28.60 18.05
N ALA D 9 8.62 -29.55 17.94
CA ALA D 9 7.49 -29.60 18.84
C ALA D 9 8.08 -29.71 20.24
N MET D 10 7.33 -29.17 21.20
CA MET D 10 7.68 -29.25 22.61
C MET D 10 9.04 -28.63 22.90
N SER D 11 9.24 -27.42 22.37
CA SER D 11 10.44 -26.65 22.62
C SER D 11 10.04 -25.29 23.15
N ALA D 12 10.84 -24.78 24.07
CA ALA D 12 10.57 -23.51 24.74
C ALA D 12 11.71 -22.54 24.53
N TRP D 13 11.33 -21.26 24.45
CA TRP D 13 12.26 -20.20 24.00
C TRP D 13 11.94 -18.94 24.80
N VAL D 14 12.95 -18.35 25.44
CA VAL D 14 12.75 -17.24 26.35
C VAL D 14 13.41 -15.98 25.77
N ASN D 15 12.68 -14.87 25.71
CA ASN D 15 13.23 -13.68 25.11
C ASN D 15 13.95 -12.81 26.08
N GLN D 16 14.41 -11.67 25.56
CA GLN D 16 15.25 -10.77 26.35
C GLN D 16 14.52 -10.12 27.51
N ASP D 17 13.19 -10.14 27.48
CA ASP D 17 12.35 -9.60 28.55
C ASP D 17 12.00 -10.67 29.57
N GLY D 18 12.35 -11.93 29.30
CA GLY D 18 11.99 -13.05 30.17
C GLY D 18 10.66 -13.71 29.81
N SER D 19 10.07 -13.36 28.67
CA SER D 19 8.82 -13.93 28.19
C SER D 19 9.11 -15.23 27.46
N THR D 20 8.22 -16.21 27.57
CA THR D 20 8.49 -17.52 26.99
C THR D 20 7.42 -17.91 25.96
N LEU D 21 7.91 -18.38 24.81
CA LEU D 21 7.13 -19.12 23.83
C LEU D 21 7.27 -20.61 24.13
N TYR D 22 6.15 -21.25 24.41
CA TYR D 22 6.10 -22.70 24.63
C TYR D 22 5.50 -23.30 23.35
N ILE D 23 6.33 -23.90 22.51
CA ILE D 23 5.79 -24.54 21.32
C ILE D 23 5.27 -25.91 21.69
N ASN D 24 3.99 -26.13 21.44
CA ASN D 24 3.37 -27.43 21.74
C ASN D 24 3.54 -28.34 20.54
N SER D 25 2.75 -28.17 19.51
CA SER D 25 2.77 -29.05 18.36
C SER D 25 3.32 -28.33 17.13
N ILE D 26 4.01 -29.13 16.30
CA ILE D 26 4.33 -28.71 14.93
C ILE D 26 3.90 -29.88 14.09
N ASN D 27 2.84 -29.75 13.31
CA ASN D 27 2.28 -30.91 12.60
C ASN D 27 3.06 -31.20 11.32
N ALA D 28 2.60 -32.18 10.54
CA ALA D 28 3.36 -32.65 9.39
C ALA D 28 3.53 -31.57 8.33
N GLN D 29 2.63 -30.58 8.30
CA GLN D 29 2.71 -29.48 7.36
C GLN D 29 3.49 -28.29 7.93
N GLY D 30 3.94 -28.38 9.18
CA GLY D 30 4.64 -27.27 9.85
C GLY D 30 3.73 -26.26 10.51
N GLU D 31 2.43 -26.57 10.67
CA GLU D 31 1.57 -25.67 11.40
C GLU D 31 1.84 -25.81 12.90
N LEU D 32 1.94 -24.68 13.58
CA LEU D 32 2.37 -24.59 14.95
C LEU D 32 1.21 -24.24 15.88
N THR D 33 1.23 -24.84 17.07
CA THR D 33 0.40 -24.39 18.20
C THR D 33 1.32 -24.22 19.41
N GLY D 34 0.90 -23.38 20.32
CA GLY D 34 1.62 -23.20 21.55
C GLY D 34 0.97 -22.20 22.46
N SER D 35 1.73 -21.79 23.46
CA SER D 35 1.30 -20.79 24.43
C SER D 35 2.41 -19.77 24.60
N TYR D 36 2.04 -18.59 25.08
CA TYR D 36 3.00 -17.54 25.34
C TYR D 36 2.75 -16.95 26.72
N ILE D 37 3.81 -16.78 27.51
CA ILE D 37 3.68 -16.07 28.78
C ILE D 37 4.60 -14.86 28.74
N ASN D 38 3.99 -13.69 28.88
CA ASN D 38 4.69 -12.42 28.87
C ASN D 38 5.20 -12.08 30.28
N ARG D 39 6.45 -11.66 30.36
CA ARG D 39 7.01 -11.27 31.66
C ARG D 39 7.78 -9.97 31.56
N ALA D 40 7.48 -9.16 30.54
CA ALA D 40 8.19 -7.89 30.36
C ALA D 40 7.84 -6.92 31.49
N ALA D 41 8.87 -6.40 32.15
CA ALA D 41 8.70 -5.46 33.25
C ALA D 41 7.85 -4.28 32.79
N GLY D 42 6.85 -3.94 33.59
CA GLY D 42 5.97 -2.79 33.32
C GLY D 42 4.83 -3.06 32.35
N ALA D 43 4.80 -4.25 31.76
CA ALA D 43 3.79 -4.55 30.76
C ALA D 43 2.50 -5.08 31.38
N ALA D 44 1.41 -4.91 30.63
CA ALA D 44 0.16 -5.59 30.93
C ALA D 44 0.22 -7.02 30.40
N CYS D 45 -0.81 -7.80 30.71
CA CYS D 45 -0.96 -9.19 30.26
C CYS D 45 0.25 -10.05 30.61
N GLN D 46 0.73 -9.92 31.85
CA GLN D 46 1.86 -10.74 32.30
C GLN D 46 1.39 -11.99 33.01
N ASN D 47 2.23 -13.03 32.98
CA ASN D 47 2.12 -14.16 33.89
C ASN D 47 0.91 -15.06 33.67
N SER D 48 0.28 -15.01 32.50
CA SER D 48 -0.84 -15.91 32.18
C SER D 48 -0.67 -16.36 30.74
N PRO D 49 -1.20 -17.54 30.39
CA PRO D 49 -0.91 -18.07 29.06
C PRO D 49 -1.85 -17.53 27.99
N TYR D 50 -1.26 -17.16 26.86
CA TYR D 50 -1.98 -16.70 25.70
C TYR D 50 -1.74 -17.69 24.55
N PRO D 51 -2.82 -18.17 23.90
CA PRO D 51 -2.62 -19.09 22.77
C PRO D 51 -1.83 -18.53 21.59
N VAL D 52 -1.07 -19.42 20.96
CA VAL D 52 -0.23 -19.08 19.82
C VAL D 52 -0.51 -20.01 18.65
N ASN D 53 -0.52 -19.45 17.45
CA ASN D 53 -0.49 -20.27 16.22
C ASN D 53 0.61 -19.74 15.29
N GLY D 54 0.84 -20.46 14.20
CA GLY D 54 1.91 -20.01 13.28
C GLY D 54 2.34 -21.14 12.39
N TRP D 55 3.55 -21.00 11.86
CA TRP D 55 4.09 -21.89 10.83
C TRP D 55 5.59 -22.03 11.03
N VAL D 56 6.11 -23.20 10.71
CA VAL D 56 7.55 -23.42 10.62
C VAL D 56 7.84 -23.94 9.21
N PHE D 57 8.92 -23.41 8.62
CA PHE D 57 9.39 -23.87 7.31
C PHE D 57 10.90 -23.94 7.37
N GLY D 58 11.45 -25.12 7.69
CA GLY D 58 12.89 -25.26 7.86
C GLY D 58 13.31 -24.46 9.09
N THR D 59 14.13 -23.44 8.88
CA THR D 59 14.53 -22.57 9.99
C THR D 59 13.67 -21.29 10.08
N ALA D 60 12.82 -21.05 9.09
CA ALA D 60 11.88 -19.92 9.18
C ALA D 60 10.71 -20.26 10.08
N ILE D 61 10.23 -19.24 10.81
CA ILE D 61 9.09 -19.45 11.70
C ILE D 61 8.28 -18.17 11.77
N SER D 62 6.97 -18.30 11.79
CA SER D 62 6.12 -17.20 12.23
C SER D 62 5.25 -17.69 13.36
N PHE D 63 4.93 -16.79 14.27
CA PHE D 63 3.95 -17.13 15.30
C PHE D 63 3.25 -15.86 15.73
N SER D 64 1.99 -16.02 16.18
CA SER D 64 1.17 -14.89 16.53
C SER D 64 0.31 -15.22 17.72
N THR D 65 0.08 -14.22 18.54
CA THR D 65 -0.80 -14.37 19.69
C THR D 65 -1.80 -13.23 19.76
N LYS D 66 -3.03 -13.60 20.10
CA LYS D 66 -4.09 -12.63 20.42
C LYS D 66 -4.08 -12.38 21.92
N TRP D 67 -3.97 -11.11 22.33
CA TRP D 67 -3.83 -10.78 23.75
C TRP D 67 -5.19 -10.75 24.43
N LEU D 68 -5.85 -11.89 24.48
CA LEU D 68 -7.10 -12.07 25.20
C LEU D 68 -7.09 -13.47 25.77
N ASN D 69 -7.30 -13.57 27.07
CA ASN D 69 -7.49 -14.87 27.69
C ASN D 69 -8.48 -14.73 28.82
N SER D 70 -8.61 -15.77 29.61
CA SER D 70 -9.65 -15.79 30.66
C SER D 70 -9.38 -14.84 31.83
N VAL D 71 -8.19 -14.26 31.90
CA VAL D 71 -7.85 -13.34 33.01
C VAL D 71 -7.57 -11.88 32.61
N GLU D 72 -7.15 -11.62 31.38
CA GLU D 72 -6.75 -10.27 31.03
C GLU D 72 -6.69 -10.04 29.52
N SER D 73 -7.01 -8.84 29.07
CA SER D 73 -6.96 -8.42 27.66
C SER D 73 -6.00 -7.27 27.50
N CYS D 74 -5.25 -7.28 26.40
CA CYS D 74 -4.46 -6.12 26.05
C CYS D 74 -4.83 -5.56 24.67
N ASN D 75 -5.99 -5.94 24.18
CA ASN D 75 -6.62 -5.20 23.08
C ASN D 75 -5.88 -5.24 21.76
N SER D 76 -5.09 -6.30 21.51
CA SER D 76 -4.17 -6.31 20.39
C SER D 76 -3.76 -7.71 20.01
N ILE D 77 -3.00 -7.79 18.92
CA ILE D 77 -2.44 -9.06 18.41
C ILE D 77 -0.98 -8.77 18.06
N THR D 78 -0.08 -9.65 18.51
CA THR D 78 1.34 -9.56 18.12
C THR D 78 1.66 -10.69 17.15
N SER D 79 2.43 -10.36 16.12
CA SER D 79 2.93 -11.33 15.15
C SER D 79 4.42 -11.23 15.07
N TRP D 80 5.10 -12.37 15.22
CA TRP D 80 6.53 -12.46 15.07
C TRP D 80 6.87 -13.19 13.78
N SER D 81 7.89 -12.70 13.07
CA SER D 81 8.48 -13.42 11.93
C SER D 81 9.96 -13.57 12.23
N GLY D 82 10.50 -14.75 12.05
CA GLY D 82 11.89 -14.93 12.39
C GLY D 82 12.48 -16.21 11.91
N PHE D 83 13.66 -16.49 12.44
CA PHE D 83 14.44 -17.62 11.94
C PHE D 83 15.28 -18.16 13.08
N TYR D 84 15.49 -19.46 13.02
CA TYR D 84 16.34 -20.16 13.98
C TYR D 84 17.80 -20.01 13.61
N ILE D 85 18.61 -19.80 14.63
CA ILE D 85 20.06 -19.86 14.48
C ILE D 85 20.68 -20.52 15.69
N ASN D 86 21.86 -21.08 15.48
CA ASN D 86 22.62 -21.67 16.56
C ASN D 86 23.86 -20.80 16.75
N THR D 87 23.95 -20.12 17.91
CA THR D 87 25.11 -19.28 18.26
C THR D 87 25.86 -19.99 19.40
N GLY D 88 27.11 -20.41 19.17
CA GLY D 88 27.90 -20.99 20.25
C GLY D 88 27.25 -22.18 20.93
N GLY D 89 26.50 -22.96 20.17
CA GLY D 89 25.79 -24.11 20.73
C GLY D 89 24.44 -23.81 21.39
N GLN D 90 24.00 -22.55 21.37
CA GLN D 90 22.67 -22.21 21.88
C GLN D 90 21.73 -21.98 20.71
N GLY D 91 20.63 -22.69 20.68
CA GLY D 91 19.58 -22.42 19.71
C GLY D 91 18.78 -21.20 20.10
N LYS D 92 18.40 -20.41 19.10
CA LYS D 92 17.55 -19.25 19.36
CA LYS D 92 17.60 -19.21 19.34
C LYS D 92 16.77 -18.87 18.12
N ILE D 93 15.72 -18.07 18.35
CA ILE D 93 14.85 -17.61 17.27
C ILE D 93 14.93 -16.08 17.27
N SER D 94 15.47 -15.51 16.19
CA SER D 94 15.59 -14.07 16.04
C SER D 94 14.41 -13.55 15.22
N THR D 95 13.72 -12.53 15.74
CA THR D 95 12.45 -12.09 15.17
C THR D 95 12.35 -10.60 15.00
N LEU D 96 11.48 -10.24 14.05
CA LEU D 96 10.86 -8.94 13.97
C LEU D 96 9.41 -9.12 14.32
N TRP D 97 8.86 -8.23 15.14
CA TRP D 97 7.45 -8.30 15.50
C TRP D 97 6.68 -7.07 15.13
N GLN D 98 5.38 -7.26 15.00
CA GLN D 98 4.41 -6.17 14.79
C GLN D 98 3.25 -6.39 15.71
N LEU D 99 2.77 -5.30 16.29
CA LEU D 99 1.66 -5.30 17.22
CA LEU D 99 1.63 -5.36 17.19
C LEU D 99 0.57 -4.42 16.62
N VAL D 100 -0.62 -4.99 16.39
CA VAL D 100 -1.74 -4.22 15.88
C VAL D 100 -2.82 -4.16 16.96
N VAL D 101 -3.33 -2.96 17.17
CA VAL D 101 -4.29 -2.70 18.21
C VAL D 101 -5.71 -2.68 17.66
N ASN D 102 -6.61 -3.34 18.36
CA ASN D 102 -8.05 -3.30 18.06
C ASN D 102 -8.53 -1.84 18.06
N GLY D 103 -9.20 -1.41 16.98
CA GLY D 103 -9.75 -0.07 16.90
C GLY D 103 -8.87 0.93 16.15
N SER D 104 -7.73 0.47 15.64
CA SER D 104 -6.79 1.32 14.93
C SER D 104 -7.38 1.89 13.65
N SER D 105 -6.78 2.97 13.19
CA SER D 105 -7.24 3.63 11.97
C SER D 105 -6.12 3.94 10.98
N SER D 106 -4.87 3.80 11.39
CA SER D 106 -3.73 4.12 10.52
C SER D 106 -2.64 3.07 10.66
N PRO D 107 -1.98 2.72 9.55
CA PRO D 107 -0.83 1.82 9.66
C PRO D 107 0.28 2.33 10.60
N SER D 108 0.35 3.65 10.81
CA SER D 108 1.36 4.23 11.71
C SER D 108 1.15 3.83 13.15
N GLN D 109 -0.04 3.28 13.45
CA GLN D 109 -0.35 2.83 14.81
C GLN D 109 0.12 1.39 15.06
N ILE D 110 0.63 0.70 14.04
CA ILE D 110 1.16 -0.66 14.22
C ILE D 110 2.55 -0.49 14.83
N LEU D 111 2.77 -1.07 16.00
CA LEU D 111 4.06 -0.94 16.66
C LEU D 111 4.98 -2.05 16.18
N LYS D 112 6.27 -1.77 16.13
CA LYS D 112 7.26 -2.72 15.62
CA LYS D 112 7.27 -2.69 15.59
C LYS D 112 8.45 -2.84 16.55
N GLY D 113 9.08 -3.99 16.54
CA GLY D 113 10.28 -4.20 17.33
C GLY D 113 10.96 -5.48 16.94
N GLN D 114 11.94 -5.84 17.74
CA GLN D 114 12.68 -7.09 17.57
C GLN D 114 12.74 -7.82 18.91
N ASP D 115 12.68 -9.16 18.86
CA ASP D 115 12.86 -10.01 20.03
C ASP D 115 13.77 -11.17 19.61
N VAL D 116 14.63 -11.63 20.52
CA VAL D 116 15.34 -12.90 20.33
C VAL D 116 14.96 -13.82 21.46
N PHE D 117 14.49 -15.02 21.09
CA PHE D 117 14.07 -16.03 22.06
C PHE D 117 15.06 -17.16 22.07
N SER D 118 15.73 -17.39 23.20
CA SER D 118 16.77 -18.43 23.26
CA SER D 118 16.79 -18.39 23.30
C SER D 118 16.29 -19.66 24.02
N GLN D 119 16.90 -20.80 23.72
CA GLN D 119 16.43 -22.06 24.28
C GLN D 119 16.36 -22.01 25.81
N THR D 120 15.33 -22.65 26.35
CA THR D 120 15.22 -22.75 27.80
C THR D 120 14.49 -24.02 28.24
N SER D 121 14.73 -24.40 29.49
CA SER D 121 14.01 -25.46 30.14
C SER D 121 13.75 -25.02 31.58
#